data_5DTC
#
_entry.id   5DTC
#
_cell.length_a   35.298
_cell.length_b   37.738
_cell.length_c   41.134
_cell.angle_alpha   82.54
_cell.angle_beta   64.31
_cell.angle_gamma   69.62
#
_symmetry.space_group_name_H-M   'P 1'
#
loop_
_entity.id
_entity.type
_entity.pdbx_description
1 polymer 'Ribosome biogenesis protein YTM1'
2 water water
#
_entity_poly.entity_id   1
_entity_poly.type   'polypeptide(L)'
_entity_poly.pdbx_seq_one_letter_code
;KSQVKIRFFTREKDELLHVQDTPMYAPISLKRYGLSEIVNHLLGSEKPVPFDFLIEGELLRTSLHDYLTKKGLSSEASLN
VEYTRAIL
;
_entity_poly.pdbx_strand_id   A,B
#
# COMPACT_ATOMS: atom_id res chain seq x y z
N LYS A 1 -15.27 2.24 4.25
CA LYS A 1 -14.85 1.07 5.00
C LYS A 1 -13.48 0.57 4.53
N SER A 2 -13.04 1.03 3.37
CA SER A 2 -11.84 0.51 2.75
C SER A 2 -10.55 1.21 3.20
N GLN A 3 -10.70 2.34 3.89
CA GLN A 3 -9.56 3.20 4.24
C GLN A 3 -9.54 3.52 5.72
N VAL A 4 -8.35 3.80 6.24
CA VAL A 4 -8.21 4.17 7.64
C VAL A 4 -7.15 5.29 7.76
N LYS A 5 -7.41 6.25 8.63
CA LYS A 5 -6.48 7.35 8.89
C LYS A 5 -5.31 6.87 9.72
N ILE A 6 -4.10 7.15 9.24
CA ILE A 6 -2.89 6.79 9.97
C ILE A 6 -1.94 7.97 10.07
N ARG A 7 -1.15 7.99 11.14
CA ARG A 7 -0.05 8.94 11.29
C ARG A 7 1.20 8.17 11.68
N PHE A 8 2.32 8.45 11.02
CA PHE A 8 3.57 7.74 11.25
C PHE A 8 4.47 8.47 12.26
N PHE A 9 5.19 7.73 13.08
CA PHE A 9 6.26 8.29 13.90
C PHE A 9 7.32 7.22 14.13
N THR A 10 8.53 7.64 14.51
CA THR A 10 9.59 6.68 14.80
C THR A 10 10.42 7.10 15.99
N ARG A 11 11.00 6.12 16.68
CA ARG A 11 11.91 6.39 17.78
C ARG A 11 13.36 6.33 17.28
N GLU A 12 13.55 6.16 15.97
CA GLU A 12 14.89 6.07 15.41
C GLU A 12 15.61 7.38 15.60
N LYS A 13 16.91 7.31 15.91
CA LYS A 13 17.70 8.53 16.13
C LYS A 13 18.11 9.21 14.82
N ASP A 14 18.24 8.41 13.76
CA ASP A 14 18.67 8.90 12.44
C ASP A 14 17.65 9.86 11.83
N GLU A 15 18.03 11.13 11.80
CA GLU A 15 17.19 12.19 11.25
C GLU A 15 16.74 11.94 9.82
N LEU A 16 17.55 11.24 9.04
CA LEU A 16 17.19 10.93 7.66
C LEU A 16 16.07 9.92 7.56
N LEU A 17 15.70 9.32 8.69
CA LEU A 17 14.61 8.33 8.72
C LEU A 17 13.32 8.94 9.24
N HIS A 18 13.31 10.24 9.44
CA HIS A 18 12.18 10.94 10.03
C HIS A 18 11.22 11.52 8.99
N VAL A 19 9.94 11.16 9.10
CA VAL A 19 8.92 11.73 8.24
C VAL A 19 8.11 12.75 9.03
N GLN A 20 7.29 13.53 8.33
CA GLN A 20 6.43 14.53 8.97
C GLN A 20 5.29 13.89 9.76
N ASP A 21 4.71 14.68 10.66
CA ASP A 21 3.66 14.25 11.58
C ASP A 21 2.30 14.07 10.88
N THR A 22 2.23 14.50 9.64
CA THR A 22 0.97 14.63 8.90
C THR A 22 0.18 13.34 8.75
N PRO A 23 -1.14 13.41 8.99
CA PRO A 23 -2.00 12.23 8.80
C PRO A 23 -2.27 11.94 7.32
N MET A 24 -2.58 10.70 7.01
CA MET A 24 -2.92 10.30 5.65
C MET A 24 -3.86 9.10 5.70
N TYR A 25 -4.54 8.82 4.59
CA TYR A 25 -5.39 7.64 4.51
C TYR A 25 -4.65 6.48 3.86
N ALA A 26 -4.81 5.29 4.44
CA ALA A 26 -4.21 4.08 3.87
C ALA A 26 -5.27 3.00 3.68
N PRO A 27 -5.20 2.25 2.58
CA PRO A 27 -6.08 1.08 2.47
C PRO A 27 -5.92 0.12 3.66
N ILE A 28 -7.01 -0.42 4.15
CA ILE A 28 -6.95 -1.31 5.32
C ILE A 28 -6.22 -2.62 4.99
N SER A 29 -6.08 -2.90 3.70
CA SER A 29 -5.46 -4.13 3.23
C SER A 29 -3.94 -4.13 3.38
N LEU A 30 -3.36 -2.96 3.61
CA LEU A 30 -1.91 -2.84 3.60
C LEU A 30 -1.28 -3.56 4.78
N LYS A 31 -0.10 -4.14 4.54
CA LYS A 31 0.71 -4.79 5.56
C LYS A 31 2.07 -4.11 5.58
N ARG A 32 3.05 -4.78 6.17
CA ARG A 32 4.38 -4.18 6.35
C ARG A 32 5.02 -3.70 5.04
N TYR A 33 4.87 -4.46 3.97
CA TYR A 33 5.52 -4.11 2.69
C TYR A 33 4.92 -2.84 2.06
N GLY A 34 3.60 -2.78 1.98
CA GLY A 34 2.93 -1.58 1.51
C GLY A 34 3.23 -0.36 2.37
N LEU A 35 3.22 -0.54 3.68
CA LEU A 35 3.51 0.59 4.56
C LEU A 35 4.96 1.06 4.42
N SER A 36 5.89 0.13 4.22
CA SER A 36 7.28 0.50 4.02
C SER A 36 7.42 1.29 2.70
N GLU A 37 6.60 0.95 1.71
CA GLU A 37 6.62 1.70 0.45
C GLU A 37 6.19 3.15 0.67
N ILE A 38 5.17 3.36 1.50
CA ILE A 38 4.73 4.71 1.84
C ILE A 38 5.81 5.51 2.58
N VAL A 39 6.37 4.92 3.63
CA VAL A 39 7.39 5.61 4.41
C VAL A 39 8.60 5.96 3.56
N ASN A 40 9.08 5.02 2.75
CA ASN A 40 10.27 5.29 1.94
C ASN A 40 10.01 6.37 0.89
N HIS A 41 8.76 6.49 0.45
CA HIS A 41 8.40 7.55 -0.48
C HIS A 41 8.45 8.90 0.21
N LEU A 42 7.90 8.97 1.42
CA LEU A 42 7.94 10.19 2.21
C LEU A 42 9.38 10.61 2.51
N LEU A 43 10.25 9.62 2.69
CA LEU A 43 11.65 9.88 3.03
C LEU A 43 12.50 10.22 1.81
N GLY A 44 11.97 9.96 0.62
CA GLY A 44 12.70 10.15 -0.62
C GLY A 44 13.96 9.29 -0.63
N SER A 45 13.85 8.09 -0.07
CA SER A 45 14.96 7.15 0.08
C SER A 45 15.72 6.85 -1.22
N GLU A 46 17.05 6.93 -1.18
CA GLU A 46 17.88 6.52 -2.31
C GLU A 46 17.63 5.04 -2.61
N LYS A 47 17.97 4.20 -1.64
CA LYS A 47 17.60 2.80 -1.69
C LYS A 47 16.58 2.56 -0.58
N PRO A 48 15.55 1.74 -0.86
CA PRO A 48 14.51 1.55 0.15
C PRO A 48 15.04 0.88 1.42
N VAL A 49 14.59 1.40 2.55
CA VAL A 49 14.95 0.86 3.87
C VAL A 49 13.84 -0.05 4.36
N PRO A 50 14.18 -1.29 4.72
CA PRO A 50 13.15 -2.19 5.24
C PRO A 50 12.67 -1.76 6.62
N PHE A 51 11.36 -1.53 6.75
CA PHE A 51 10.77 -1.13 8.02
C PHE A 51 9.83 -2.17 8.59
N ASP A 52 9.80 -2.25 9.92
CA ASP A 52 8.71 -2.89 10.63
C ASP A 52 7.82 -1.83 11.30
N PHE A 53 6.59 -2.22 11.61
CA PHE A 53 5.60 -1.29 12.13
C PHE A 53 4.94 -1.81 13.39
N LEU A 54 4.68 -0.90 14.33
CA LEU A 54 4.03 -1.23 15.57
C LEU A 54 2.88 -0.28 15.83
N ILE A 55 1.82 -0.78 16.44
CA ILE A 55 0.72 0.09 16.87
C ILE A 55 0.53 -0.12 18.36
N GLU A 56 0.73 0.95 19.11
CA GLU A 56 0.78 0.90 20.57
C GLU A 56 1.67 -0.23 21.09
N GLY A 57 2.81 -0.41 20.42
CA GLY A 57 3.83 -1.36 20.82
C GLY A 57 3.67 -2.78 20.32
N GLU A 58 2.56 -3.08 19.66
CA GLU A 58 2.35 -4.42 19.13
C GLU A 58 2.80 -4.49 17.68
N LEU A 59 3.68 -5.43 17.36
CA LEU A 59 4.19 -5.58 16.01
C LEU A 59 3.07 -5.88 15.02
N LEU A 60 3.06 -5.18 13.90
CA LEU A 60 2.03 -5.40 12.88
C LEU A 60 2.41 -6.58 12.00
N ARG A 61 1.74 -7.72 12.23
CA ARG A 61 2.12 -8.98 11.61
C ARG A 61 1.27 -9.31 10.39
N THR A 62 0.16 -8.61 10.24
CA THR A 62 -0.65 -8.76 9.03
C THR A 62 -1.13 -7.41 8.57
N SER A 63 -2.41 -7.32 8.20
CA SER A 63 -2.95 -6.09 7.62
C SER A 63 -3.47 -5.14 8.69
N LEU A 64 -3.68 -3.89 8.29
CA LEU A 64 -4.34 -2.91 9.15
C LEU A 64 -5.75 -3.40 9.47
N HIS A 65 -6.43 -3.92 8.46
CA HIS A 65 -7.74 -4.55 8.64
C HIS A 65 -7.79 -5.56 9.78
N ASP A 66 -6.85 -6.50 9.77
CA ASP A 66 -6.78 -7.53 10.83
C ASP A 66 -6.54 -6.92 12.21
N TYR A 67 -5.72 -5.87 12.28
CA TYR A 67 -5.48 -5.20 13.54
C TYR A 67 -6.77 -4.57 14.07
N LEU A 68 -7.46 -3.82 13.20
CA LEU A 68 -8.69 -3.15 13.59
C LEU A 68 -9.74 -4.16 14.07
N THR A 69 -9.81 -5.31 13.40
CA THR A 69 -10.83 -6.29 13.75
C THR A 69 -10.50 -6.90 15.12
N LYS A 70 -9.21 -7.18 15.36
CA LYS A 70 -8.77 -7.76 16.62
C LYS A 70 -9.07 -6.87 17.82
N LYS A 71 -8.95 -5.57 17.60
CA LYS A 71 -9.13 -4.59 18.68
C LYS A 71 -10.58 -4.10 18.80
N GLY A 72 -11.44 -4.54 17.89
CA GLY A 72 -12.85 -4.14 17.95
C GLY A 72 -13.07 -2.70 17.58
N LEU A 73 -12.22 -2.19 16.69
CA LEU A 73 -12.31 -0.81 16.23
C LEU A 73 -12.81 -0.78 14.79
N SER A 74 -13.57 0.25 14.44
CA SER A 74 -13.96 0.44 13.05
C SER A 74 -12.84 1.18 12.32
N SER A 75 -12.93 1.25 10.99
CA SER A 75 -11.94 1.96 10.21
C SER A 75 -12.18 3.48 10.24
N GLU A 76 -13.03 3.93 11.17
CA GLU A 76 -13.14 5.35 11.49
C GLU A 76 -12.11 5.73 12.54
N ALA A 77 -11.41 4.73 13.04
CA ALA A 77 -10.31 4.95 13.97
C ALA A 77 -9.16 5.71 13.31
N SER A 78 -8.47 6.51 14.11
CA SER A 78 -7.22 7.11 13.69
C SER A 78 -6.07 6.36 14.36
N LEU A 79 -5.18 5.80 13.55
CA LEU A 79 -4.08 4.96 14.06
C LEU A 79 -2.75 5.71 14.15
N ASN A 80 -2.12 5.62 15.32
CA ASN A 80 -0.76 6.07 15.55
C ASN A 80 0.21 4.92 15.23
N VAL A 81 0.91 4.99 14.09
CA VAL A 81 1.70 3.85 13.63
C VAL A 81 3.19 4.12 13.74
N GLU A 82 3.84 3.37 14.63
CA GLU A 82 5.28 3.48 14.80
C GLU A 82 6.01 2.68 13.74
N TYR A 83 7.12 3.20 13.22
CA TYR A 83 7.98 2.42 12.36
C TYR A 83 9.38 2.38 12.93
N THR A 84 10.07 1.28 12.61
CA THR A 84 11.43 1.04 13.06
C THR A 84 12.15 0.30 11.94
N ARG A 85 13.47 0.45 11.87
CA ARG A 85 14.25 -0.39 10.98
C ARG A 85 13.88 -1.83 11.29
N ALA A 86 13.74 -2.63 10.24
CA ALA A 86 13.24 -4.00 10.35
C ALA A 86 13.91 -4.79 11.49
N ILE A 87 13.09 -5.55 12.21
CA ILE A 87 13.57 -6.34 13.36
C ILE A 87 14.58 -7.39 12.92
N LYS B 1 -4.52 14.79 -3.35
CA LYS B 1 -3.10 14.98 -3.60
C LYS B 1 -2.36 13.65 -3.60
N SER B 2 -2.55 12.91 -2.52
CA SER B 2 -1.69 11.78 -2.23
C SER B 2 -2.27 10.43 -2.63
N GLN B 3 -3.49 10.43 -3.19
CA GLN B 3 -4.13 9.19 -3.64
C GLN B 3 -4.59 9.25 -5.08
N VAL B 4 -4.61 8.10 -5.74
CA VAL B 4 -5.07 8.00 -7.14
C VAL B 4 -6.14 6.92 -7.25
N LYS B 5 -7.16 7.16 -8.08
CA LYS B 5 -8.23 6.17 -8.28
C LYS B 5 -7.75 5.05 -9.19
N ILE B 6 -7.96 3.81 -8.78
CA ILE B 6 -7.54 2.66 -9.59
C ILE B 6 -8.62 1.59 -9.71
N ARG B 7 -8.62 0.90 -10.83
CA ARG B 7 -9.45 -0.30 -11.00
C ARG B 7 -8.56 -1.43 -11.46
N PHE B 8 -8.78 -2.63 -10.91
CA PHE B 8 -7.98 -3.80 -11.23
C PHE B 8 -8.68 -4.71 -12.23
N PHE B 9 -7.89 -5.32 -13.11
CA PHE B 9 -8.38 -6.39 -13.98
C PHE B 9 -7.23 -7.33 -14.27
N THR B 10 -7.55 -8.53 -14.74
CA THR B 10 -6.53 -9.50 -15.08
C THR B 10 -6.93 -10.35 -16.27
N ARG B 11 -5.94 -10.82 -17.01
CA ARG B 11 -6.16 -11.73 -18.12
C ARG B 11 -5.92 -13.16 -17.68
N GLU B 12 -5.65 -13.35 -16.39
CA GLU B 12 -5.48 -14.67 -15.82
C GLU B 12 -6.72 -15.52 -16.10
N LYS B 13 -6.50 -16.79 -16.42
CA LYS B 13 -7.58 -17.70 -16.75
C LYS B 13 -8.22 -18.32 -15.51
N ASP B 14 -7.50 -18.32 -14.39
CA ASP B 14 -8.02 -18.82 -13.12
C ASP B 14 -9.03 -17.83 -12.53
N GLU B 15 -10.29 -18.23 -12.49
CA GLU B 15 -11.35 -17.35 -12.03
C GLU B 15 -11.22 -17.05 -10.53
N LEU B 16 -10.57 -17.95 -9.81
CA LEU B 16 -10.27 -17.75 -8.39
C LEU B 16 -9.34 -16.57 -8.16
N LEU B 17 -8.71 -16.08 -9.24
CA LEU B 17 -7.81 -14.94 -9.13
C LEU B 17 -8.45 -13.64 -9.60
N HIS B 18 -9.74 -13.68 -9.90
CA HIS B 18 -10.46 -12.52 -10.41
C HIS B 18 -11.09 -11.71 -9.29
N VAL B 19 -10.82 -10.40 -9.31
CA VAL B 19 -11.50 -9.46 -8.44
C VAL B 19 -12.47 -8.61 -9.25
N GLN B 20 -13.38 -7.91 -8.58
CA GLN B 20 -14.29 -7.01 -9.27
C GLN B 20 -13.54 -5.75 -9.69
N ASP B 21 -14.02 -5.11 -10.75
CA ASP B 21 -13.38 -3.90 -11.24
C ASP B 21 -13.93 -2.65 -10.57
N THR B 22 -14.44 -2.78 -9.36
CA THR B 22 -14.90 -1.62 -8.62
C THR B 22 -13.69 -0.74 -8.31
N PRO B 23 -13.83 0.59 -8.47
CA PRO B 23 -12.67 1.44 -8.22
C PRO B 23 -12.36 1.58 -6.74
N MET B 24 -11.11 1.96 -6.47
CA MET B 24 -10.67 2.24 -5.11
C MET B 24 -9.53 3.23 -5.16
N TYR B 25 -9.23 3.84 -4.02
CA TYR B 25 -8.16 4.82 -3.98
C TYR B 25 -6.91 4.21 -3.36
N ALA B 26 -5.78 4.46 -4.01
CA ALA B 26 -4.49 3.97 -3.52
C ALA B 26 -3.49 5.11 -3.37
N PRO B 27 -2.66 5.06 -2.33
CA PRO B 27 -1.57 6.04 -2.18
C PRO B 27 -0.65 6.02 -3.41
N ILE B 28 -0.26 7.19 -3.90
CA ILE B 28 0.59 7.25 -5.09
C ILE B 28 1.99 6.67 -4.80
N SER B 29 2.28 6.45 -3.52
CA SER B 29 3.58 5.92 -3.13
C SER B 29 3.67 4.41 -3.35
N LEU B 30 2.54 3.74 -3.52
CA LEU B 30 2.52 2.28 -3.65
C LEU B 30 3.27 1.77 -4.88
N LYS B 31 3.97 0.65 -4.68
CA LYS B 31 4.63 -0.11 -5.73
C LYS B 31 3.97 -1.49 -5.79
N ARG B 32 4.62 -2.41 -6.50
CA ARG B 32 4.09 -3.76 -6.70
C ARG B 32 3.76 -4.51 -5.38
N TYR B 33 4.51 -4.29 -4.31
CA TYR B 33 4.23 -5.03 -3.09
C TYR B 33 2.96 -4.56 -2.40
N GLY B 34 2.77 -3.25 -2.30
CA GLY B 34 1.54 -2.70 -1.75
C GLY B 34 0.32 -3.05 -2.58
N LEU B 35 0.44 -2.99 -3.91
CA LEU B 35 -0.69 -3.33 -4.75
C LEU B 35 -1.02 -4.83 -4.66
N SER B 36 0.00 -5.66 -4.52
CA SER B 36 -0.24 -7.09 -4.35
C SER B 36 -0.97 -7.35 -3.02
N GLU B 37 -0.67 -6.55 -2.01
CA GLU B 37 -1.37 -6.68 -0.74
C GLU B 37 -2.87 -6.36 -0.91
N ILE B 38 -3.19 -5.33 -1.67
CA ILE B 38 -4.58 -4.97 -1.95
C ILE B 38 -5.33 -6.09 -2.72
N VAL B 39 -4.74 -6.58 -3.79
CA VAL B 39 -5.40 -7.62 -4.57
C VAL B 39 -5.62 -8.90 -3.75
N ASN B 40 -4.61 -9.32 -2.99
CA ASN B 40 -4.76 -10.52 -2.17
C ASN B 40 -5.83 -10.38 -1.08
N HIS B 41 -5.96 -9.17 -0.52
CA HIS B 41 -7.04 -8.87 0.42
C HIS B 41 -8.40 -9.05 -0.25
N LEU B 42 -8.53 -8.52 -1.46
CA LEU B 42 -9.77 -8.61 -2.21
C LEU B 42 -10.12 -10.06 -2.52
N LEU B 43 -9.09 -10.86 -2.78
CA LEU B 43 -9.27 -12.27 -3.13
C LEU B 43 -9.49 -13.14 -1.89
N GLY B 44 -9.16 -12.60 -0.73
CA GLY B 44 -9.27 -13.33 0.52
C GLY B 44 -8.26 -14.46 0.58
N SER B 45 -7.08 -14.20 0.01
CA SER B 45 -6.01 -15.19 -0.06
C SER B 45 -5.62 -15.72 1.30
N GLU B 46 -5.54 -17.04 1.38
CA GLU B 46 -5.12 -17.73 2.58
C GLU B 46 -3.62 -17.72 2.66
N LYS B 47 -2.97 -17.95 1.52
CA LYS B 47 -1.55 -17.69 1.34
C LYS B 47 -1.40 -16.68 0.20
N PRO B 48 -0.60 -15.62 0.42
CA PRO B 48 -0.46 -14.57 -0.59
C PRO B 48 0.13 -15.03 -1.92
N VAL B 49 -0.50 -14.59 -3.00
CA VAL B 49 -0.04 -14.85 -4.37
C VAL B 49 0.77 -13.66 -4.86
N PRO B 50 2.06 -13.86 -5.17
CA PRO B 50 2.80 -12.71 -5.66
C PRO B 50 2.31 -12.27 -7.04
N PHE B 51 1.99 -10.99 -7.17
CA PHE B 51 1.51 -10.42 -8.41
C PHE B 51 2.45 -9.36 -8.98
N ASP B 52 2.41 -9.19 -10.30
CA ASP B 52 3.01 -8.01 -10.93
C ASP B 52 1.90 -7.19 -11.58
N PHE B 53 2.21 -5.93 -11.90
CA PHE B 53 1.21 -5.00 -12.39
C PHE B 53 1.64 -4.27 -13.66
N LEU B 54 0.70 -4.13 -14.58
CA LEU B 54 0.93 -3.40 -15.82
C LEU B 54 -0.09 -2.29 -15.95
N ILE B 55 0.29 -1.19 -16.60
CA ILE B 55 -0.64 -0.11 -16.90
C ILE B 55 -0.52 0.18 -18.38
N GLU B 56 -1.62 -0.01 -19.11
CA GLU B 56 -1.62 -0.03 -20.57
C GLU B 56 -0.46 -0.86 -21.14
N GLY B 57 -0.24 -2.02 -20.55
CA GLY B 57 0.72 -2.99 -21.03
C GLY B 57 2.15 -2.78 -20.61
N GLU B 58 2.41 -1.72 -19.85
CA GLU B 58 3.77 -1.44 -19.38
C GLU B 58 3.93 -1.87 -17.93
N LEU B 59 4.98 -2.66 -17.67
CA LEU B 59 5.19 -3.24 -16.35
C LEU B 59 5.50 -2.14 -15.35
N LEU B 60 4.85 -2.18 -14.19
CA LEU B 60 5.04 -1.14 -13.19
C LEU B 60 6.28 -1.46 -12.37
N ARG B 61 7.36 -0.72 -12.60
CA ARG B 61 8.66 -1.01 -11.98
C ARG B 61 8.92 -0.12 -10.78
N THR B 62 8.11 0.92 -10.65
CA THR B 62 8.28 1.95 -9.64
C THR B 62 6.99 2.19 -8.89
N SER B 63 6.88 3.39 -8.31
CA SER B 63 5.65 3.81 -7.64
C SER B 63 4.63 4.25 -8.66
N LEU B 64 3.38 4.36 -8.21
CA LEU B 64 2.33 4.94 -9.03
C LEU B 64 2.68 6.39 -9.32
N HIS B 65 3.24 7.08 -8.32
CA HIS B 65 3.71 8.45 -8.49
C HIS B 65 4.65 8.62 -9.68
N ASP B 66 5.66 7.75 -9.75
CA ASP B 66 6.64 7.83 -10.83
C ASP B 66 5.99 7.59 -12.19
N TYR B 67 5.03 6.67 -12.22
CA TYR B 67 4.29 6.39 -13.45
C TYR B 67 3.52 7.62 -13.91
N LEU B 68 2.74 8.19 -13.00
CA LEU B 68 1.95 9.38 -13.30
C LEU B 68 2.86 10.52 -13.80
N THR B 69 3.99 10.73 -13.12
CA THR B 69 4.91 11.80 -13.51
C THR B 69 5.47 11.57 -14.92
N LYS B 70 5.84 10.33 -15.22
CA LYS B 70 6.40 9.99 -16.53
C LYS B 70 5.40 10.21 -17.66
N LYS B 71 4.12 10.01 -17.39
CA LYS B 71 3.07 10.12 -18.41
C LYS B 71 2.47 11.52 -18.50
N GLY B 72 2.86 12.42 -17.59
CA GLY B 72 2.38 13.79 -17.65
C GLY B 72 0.99 13.93 -17.06
N LEU B 73 0.70 13.06 -16.10
CA LEU B 73 -0.62 13.01 -15.47
C LEU B 73 -0.52 13.43 -14.01
N SER B 74 -1.62 13.95 -13.47
CA SER B 74 -1.71 14.24 -12.03
C SER B 74 -2.44 13.09 -11.32
N SER B 75 -2.50 13.18 -10.01
CA SER B 75 -3.15 12.15 -9.21
C SER B 75 -4.67 12.21 -9.34
N GLU B 76 -5.19 13.11 -10.18
CA GLU B 76 -6.64 13.16 -10.44
C GLU B 76 -6.99 12.24 -11.60
N ALA B 77 -5.98 11.57 -12.14
CA ALA B 77 -6.21 10.58 -13.19
C ALA B 77 -6.84 9.32 -12.60
N SER B 78 -7.50 8.55 -13.45
CA SER B 78 -8.00 7.24 -13.07
C SER B 78 -7.18 6.21 -13.83
N LEU B 79 -6.69 5.21 -13.12
CA LEU B 79 -5.83 4.22 -13.74
C LEU B 79 -6.49 2.86 -13.84
N ASN B 80 -6.38 2.25 -15.01
CA ASN B 80 -6.76 0.85 -15.15
C ASN B 80 -5.51 -0.01 -14.98
N VAL B 81 -5.47 -0.77 -13.88
CA VAL B 81 -4.27 -1.52 -13.55
C VAL B 81 -4.48 -3.02 -13.73
N GLU B 82 -3.74 -3.58 -14.67
CA GLU B 82 -3.71 -5.01 -14.91
C GLU B 82 -2.83 -5.72 -13.88
N TYR B 83 -3.28 -6.88 -13.39
CA TYR B 83 -2.39 -7.70 -12.59
C TYR B 83 -2.23 -9.07 -13.23
N THR B 84 -1.09 -9.68 -12.96
CA THR B 84 -0.73 -10.99 -13.49
C THR B 84 0.13 -11.67 -12.44
N ARG B 85 0.17 -13.00 -12.45
CA ARG B 85 1.10 -13.73 -11.59
C ARG B 85 2.48 -13.14 -11.81
N ALA B 86 3.24 -12.99 -10.73
CA ALA B 86 4.57 -12.42 -10.80
C ALA B 86 5.36 -13.03 -11.96
N ILE B 87 6.06 -12.18 -12.68
CA ILE B 87 6.77 -12.62 -13.88
C ILE B 87 7.84 -13.68 -13.58
#